data_3U85
#
_entry.id   3U85
#
_cell.length_a   141.205
_cell.length_b   141.205
_cell.length_c   93.550
_cell.angle_alpha   90.000
_cell.angle_beta   90.000
_cell.angle_gamma   90.000
#
_symmetry.space_group_name_H-M   'P 41 21 2'
#
loop_
_entity.id
_entity.type
_entity.pdbx_description
1 polymer Menin
2 polymer 'Histone-lysine N-methyltransferase 2A'
#
loop_
_entity_poly.entity_id
_entity_poly.type
_entity_poly.pdbx_seq_one_letter_code
_entity_poly.pdbx_strand_id
1 'polypeptide(L)'
;SGLKAAQKTLFPLRSIDDVVRLFAAELGREEPDLVLLSLVLGFVEHFLAVNRVIPTNVPELTFQPSPAPDPPGGLTYFPV
ADLSIIAALYARFTAQIRGAVDLSLYPREGGVSSRELVKKVSDVIWNSLSRSYFKDRAHIQSLFSFITGTKLDSSGVAFA
VVGACQALGLRDVHLALSEDHAWVVFGPNGEQTAEVTWHGKGNEDRRGQTVNAGVAERSWLYLKGSYMRCDRKMEVAFMV
CAINPSIDLHTDSLELLQLQQKLLWLLYDLGHLERYPMALGNLADLEELEPTPGRPDPLTLYHKGIASAKTYYRDEHIYP
YMYLAGYHCRNRNVREALQAWADTATVIQDYNYCREDEEIYKEFFEVANDVIPNLLKEAASLLEAGEERPGEQSQGTQSQ
GSALQDPECFAHLLRFYDGICKWEEGSPTPVLHVGWATFLVQSLGRFEGQVRQKVRIVSGTVAGTARGPEGGSTAQVPAP
TASPPPEGPVLTFQSEKMKGMKELLVATKINSSAIKLQLTAQSQVQMKKQKVSTPSDYTLSFLKRQRKGL
;
A
2 'polypeptide(L)' SRWRFPARPGTTGGGGGGGRR B
#
# COMPACT_ATOMS: atom_id res chain seq x y z
N GLY A 2 -19.08 -23.02 -16.32
CA GLY A 2 -17.97 -22.86 -15.40
C GLY A 2 -18.36 -22.19 -14.11
N LEU A 3 -19.32 -21.27 -14.18
CA LEU A 3 -19.81 -20.55 -13.01
C LEU A 3 -20.88 -21.34 -12.27
N LYS A 4 -20.92 -21.20 -10.95
CA LYS A 4 -21.94 -21.85 -10.16
C LYS A 4 -23.24 -21.07 -10.25
N ALA A 5 -24.37 -21.76 -10.10
CA ALA A 5 -25.69 -21.15 -10.22
C ALA A 5 -26.00 -20.15 -9.09
N ALA A 6 -25.46 -20.42 -7.91
CA ALA A 6 -25.65 -19.53 -6.77
C ALA A 6 -25.00 -18.17 -7.00
N GLN A 7 -24.19 -18.05 -8.04
CA GLN A 7 -23.51 -16.79 -8.36
C GLN A 7 -24.23 -16.08 -9.51
N LYS A 8 -24.65 -16.86 -10.50
CA LYS A 8 -25.37 -16.34 -11.65
C LYS A 8 -26.60 -15.55 -11.26
N THR A 9 -27.34 -16.08 -10.30
CA THR A 9 -28.61 -15.50 -9.91
C THR A 9 -28.47 -14.04 -9.45
N LEU A 10 -27.31 -13.69 -8.92
CA LEU A 10 -27.10 -12.34 -8.40
C LEU A 10 -26.86 -11.29 -9.48
N PHE A 11 -26.87 -11.73 -10.73
CA PHE A 11 -26.71 -10.85 -11.87
C PHE A 11 -28.10 -10.42 -12.37
N PRO A 12 -28.16 -9.34 -13.16
CA PRO A 12 -27.05 -8.45 -13.49
C PRO A 12 -26.96 -7.26 -12.53
N LEU A 13 -25.82 -6.58 -12.59
CA LEU A 13 -25.54 -5.49 -11.66
C LEU A 13 -25.85 -4.15 -12.32
N ARG A 14 -26.71 -3.35 -11.68
CA ARG A 14 -27.12 -2.07 -12.27
C ARG A 14 -26.76 -0.89 -11.39
N SER A 15 -26.14 -1.16 -10.25
CA SER A 15 -25.70 -0.07 -9.36
C SER A 15 -24.57 -0.49 -8.42
N ILE A 16 -23.95 0.50 -7.79
CA ILE A 16 -22.89 0.23 -6.84
C ILE A 16 -23.34 -0.81 -5.81
N ASP A 17 -24.58 -0.67 -5.37
CA ASP A 17 -25.19 -1.58 -4.40
C ASP A 17 -25.24 -3.01 -4.94
N ASP A 18 -25.80 -3.18 -6.13
CA ASP A 18 -25.87 -4.49 -6.77
C ASP A 18 -24.49 -5.17 -6.78
N VAL A 19 -23.44 -4.37 -6.97
CA VAL A 19 -22.07 -4.88 -6.96
C VAL A 19 -21.67 -5.35 -5.57
N VAL A 20 -21.97 -4.54 -4.57
CA VAL A 20 -21.68 -4.89 -3.18
C VAL A 20 -22.29 -6.24 -2.82
N ARG A 21 -23.51 -6.49 -3.31
CA ARG A 21 -24.19 -7.75 -3.07
C ARG A 21 -23.37 -8.94 -3.55
N LEU A 22 -22.82 -8.84 -4.76
CA LEU A 22 -22.02 -9.93 -5.31
C LEU A 22 -20.82 -10.22 -4.42
N PHE A 23 -20.26 -9.15 -3.84
CA PHE A 23 -19.09 -9.28 -2.98
C PHE A 23 -19.45 -9.82 -1.59
N ALA A 24 -20.53 -9.32 -1.02
CA ALA A 24 -20.98 -9.80 0.29
C ALA A 24 -21.38 -11.26 0.20
N ALA A 25 -21.90 -11.65 -0.96
CA ALA A 25 -22.37 -13.01 -1.20
C ALA A 25 -21.24 -13.96 -1.60
N GLU A 26 -20.26 -13.44 -2.34
CA GLU A 26 -19.13 -14.26 -2.75
C GLU A 26 -18.14 -14.40 -1.59
N LEU A 27 -18.23 -13.48 -0.64
CA LEU A 27 -17.34 -13.43 0.52
C LEU A 27 -17.81 -14.38 1.60
N GLY A 28 -19.03 -14.90 1.44
CA GLY A 28 -19.63 -15.77 2.43
C GLY A 28 -19.44 -17.25 2.12
N ARG A 29 -18.84 -17.53 0.97
CA ARG A 29 -18.53 -18.89 0.61
C ARG A 29 -17.18 -19.26 1.19
N GLU A 30 -16.73 -20.49 0.94
CA GLU A 30 -15.46 -20.93 1.49
C GLU A 30 -14.32 -20.65 0.51
N GLU A 31 -14.67 -20.50 -0.76
CA GLU A 31 -13.69 -20.22 -1.81
C GLU A 31 -14.18 -19.09 -2.70
N PRO A 32 -14.12 -17.84 -2.21
CA PRO A 32 -14.53 -16.68 -3.01
C PRO A 32 -13.83 -16.67 -4.37
N ASP A 33 -14.58 -16.38 -5.43
CA ASP A 33 -14.03 -16.43 -6.78
C ASP A 33 -13.37 -15.11 -7.16
N LEU A 34 -12.04 -15.11 -7.18
CA LEU A 34 -11.29 -13.92 -7.52
C LEU A 34 -11.52 -13.55 -8.98
N VAL A 35 -11.47 -14.55 -9.86
CA VAL A 35 -11.63 -14.33 -11.29
C VAL A 35 -12.94 -13.62 -11.58
N LEU A 36 -14.01 -14.06 -10.91
CA LEU A 36 -15.31 -13.44 -11.10
C LEU A 36 -15.32 -12.00 -10.58
N LEU A 37 -14.84 -11.82 -9.36
CA LEU A 37 -14.85 -10.51 -8.71
C LEU A 37 -13.95 -9.48 -9.39
N SER A 38 -12.78 -9.92 -9.87
CA SER A 38 -11.88 -9.04 -10.61
C SER A 38 -12.55 -8.56 -11.91
N LEU A 39 -13.14 -9.50 -12.66
CA LEU A 39 -13.80 -9.17 -13.92
C LEU A 39 -14.87 -8.11 -13.74
N VAL A 40 -15.76 -8.32 -12.77
CA VAL A 40 -16.77 -7.34 -12.43
C VAL A 40 -16.14 -5.99 -12.15
N LEU A 41 -15.20 -5.97 -11.23
CA LEU A 41 -14.52 -4.73 -10.83
C LEU A 41 -13.89 -4.05 -12.03
N GLY A 42 -13.05 -4.78 -12.74
CA GLY A 42 -12.41 -4.27 -13.95
C GLY A 42 -13.42 -3.75 -14.96
N PHE A 43 -14.43 -4.54 -15.24
CA PHE A 43 -15.52 -4.15 -16.13
C PHE A 43 -16.10 -2.80 -15.71
N VAL A 44 -16.61 -2.75 -14.48
CA VAL A 44 -17.16 -1.51 -13.91
C VAL A 44 -16.19 -0.33 -14.03
N GLU A 45 -14.95 -0.53 -13.55
CA GLU A 45 -13.95 0.54 -13.55
C GLU A 45 -13.65 1.05 -14.95
N HIS A 46 -13.88 0.21 -15.94
CA HIS A 46 -13.57 0.54 -17.32
C HIS A 46 -14.48 1.63 -17.88
N PHE A 47 -15.78 1.36 -17.92
CA PHE A 47 -16.74 2.34 -18.43
C PHE A 47 -16.89 3.58 -17.55
N LEU A 48 -16.40 3.48 -16.31
CA LEU A 48 -16.49 4.58 -15.35
C LEU A 48 -15.25 5.47 -15.34
N ALA A 49 -14.09 4.88 -15.60
CA ALA A 49 -12.85 5.65 -15.56
C ALA A 49 -12.10 5.68 -16.90
N VAL A 50 -12.06 4.56 -17.61
CA VAL A 50 -11.25 4.46 -18.82
C VAL A 50 -11.94 5.01 -20.07
N ASN A 51 -13.19 4.60 -20.30
CA ASN A 51 -13.92 5.02 -21.48
C ASN A 51 -15.36 5.39 -21.14
N ARG A 52 -15.54 6.66 -20.77
CA ARG A 52 -16.83 7.13 -20.25
C ARG A 52 -17.87 7.46 -21.32
N VAL A 53 -17.45 7.60 -22.56
CA VAL A 53 -18.41 7.88 -23.63
C VAL A 53 -19.24 6.64 -23.93
N ILE A 54 -20.56 6.79 -23.93
CA ILE A 54 -21.44 5.65 -24.08
C ILE A 54 -21.73 5.23 -25.52
N PRO A 55 -21.32 4.00 -25.87
CA PRO A 55 -21.51 3.39 -27.19
C PRO A 55 -22.98 3.09 -27.43
N THR A 56 -23.50 3.53 -28.56
CA THR A 56 -24.92 3.37 -28.86
C THR A 56 -25.19 2.32 -29.94
N ASN A 57 -24.13 1.64 -30.37
CA ASN A 57 -24.21 0.64 -31.42
C ASN A 57 -23.96 -0.78 -30.92
N VAL A 58 -23.87 -0.91 -29.59
CA VAL A 58 -23.61 -2.19 -28.96
C VAL A 58 -24.84 -2.63 -28.17
N PRO A 59 -25.82 -3.23 -28.85
CA PRO A 59 -27.10 -3.64 -28.24
C PRO A 59 -26.92 -4.54 -27.02
N GLU A 60 -25.73 -5.10 -26.86
CA GLU A 60 -25.43 -5.99 -25.74
C GLU A 60 -25.02 -5.23 -24.47
N LEU A 61 -24.60 -3.98 -24.64
CA LEU A 61 -24.16 -3.16 -23.52
C LEU A 61 -25.16 -2.05 -23.19
N THR A 62 -25.66 -2.05 -21.97
CA THR A 62 -26.71 -1.12 -21.56
C THR A 62 -26.28 -0.33 -20.32
N PHE A 63 -26.91 0.81 -20.11
CA PHE A 63 -26.58 1.67 -18.98
C PHE A 63 -27.82 2.02 -18.16
N GLN A 64 -27.63 2.24 -16.86
CA GLN A 64 -28.73 2.45 -15.92
C GLN A 64 -28.72 3.83 -15.27
N PRO A 65 -29.80 4.61 -15.50
CA PRO A 65 -29.99 5.97 -14.97
C PRO A 65 -30.42 5.99 -13.50
N SER A 66 -30.01 7.04 -12.78
CA SER A 66 -30.38 7.20 -11.38
C SER A 66 -30.06 8.63 -10.90
N PRO A 67 -30.73 9.10 -9.84
CA PRO A 67 -30.54 10.47 -9.37
C PRO A 67 -29.10 10.73 -8.92
N ALA A 68 -28.54 11.88 -9.31
CA ALA A 68 -27.15 12.22 -9.00
C ALA A 68 -26.97 12.74 -7.56
N PRO A 69 -25.91 12.27 -6.89
CA PRO A 69 -25.62 12.41 -5.45
C PRO A 69 -25.83 13.78 -4.80
N ASP A 70 -25.06 14.78 -5.23
CA ASP A 70 -25.23 16.14 -4.73
C ASP A 70 -26.27 16.84 -5.59
N PRO A 71 -26.77 18.01 -5.13
CA PRO A 71 -27.69 18.80 -5.95
C PRO A 71 -27.18 18.97 -7.40
N PRO A 72 -25.86 19.13 -7.59
CA PRO A 72 -25.30 19.18 -8.95
C PRO A 72 -25.67 17.97 -9.82
N GLY A 73 -26.13 18.23 -11.03
CA GLY A 73 -26.47 17.18 -11.97
C GLY A 73 -27.90 16.69 -11.87
N GLY A 74 -28.39 16.09 -12.95
CA GLY A 74 -29.73 15.52 -12.97
C GLY A 74 -29.71 14.02 -12.79
N LEU A 75 -29.10 13.31 -13.74
CA LEU A 75 -29.07 11.86 -13.72
C LEU A 75 -27.67 11.31 -13.94
N THR A 76 -27.35 10.22 -13.25
CA THR A 76 -26.08 9.53 -13.44
C THR A 76 -26.29 8.17 -14.11
N TYR A 77 -25.35 7.77 -14.94
CA TYR A 77 -25.46 6.50 -15.66
C TYR A 77 -24.49 5.46 -15.12
N PHE A 78 -24.94 4.21 -15.04
CA PHE A 78 -24.10 3.12 -14.54
C PHE A 78 -24.08 1.96 -15.53
N PRO A 79 -22.91 1.34 -15.72
CA PRO A 79 -22.76 0.24 -16.69
C PRO A 79 -23.39 -1.04 -16.17
N VAL A 80 -24.52 -1.44 -16.75
CA VAL A 80 -25.15 -2.69 -16.35
C VAL A 80 -24.25 -3.87 -16.73
N ALA A 81 -24.04 -4.76 -15.77
CA ALA A 81 -23.20 -5.94 -15.97
C ALA A 81 -24.02 -7.15 -16.39
N ASP A 82 -24.34 -7.25 -17.69
CA ASP A 82 -25.04 -8.43 -18.21
C ASP A 82 -24.32 -9.70 -17.76
N LEU A 83 -25.11 -10.68 -17.31
CA LEU A 83 -24.57 -11.98 -16.94
C LEU A 83 -23.82 -12.57 -18.13
N SER A 84 -24.37 -12.37 -19.32
CA SER A 84 -23.77 -12.90 -20.54
C SER A 84 -22.34 -12.41 -20.75
N ILE A 85 -22.16 -11.10 -20.74
CA ILE A 85 -20.84 -10.48 -20.93
C ILE A 85 -19.82 -11.03 -19.92
N ILE A 86 -20.18 -10.96 -18.64
CA ILE A 86 -19.30 -11.38 -17.58
C ILE A 86 -18.93 -12.87 -17.67
N ALA A 87 -19.92 -13.72 -17.93
CA ALA A 87 -19.69 -15.15 -18.05
C ALA A 87 -18.79 -15.47 -19.26
N ALA A 88 -18.95 -14.70 -20.32
CA ALA A 88 -18.13 -14.90 -21.53
C ALA A 88 -16.64 -14.68 -21.24
N LEU A 89 -16.34 -13.60 -20.51
CA LEU A 89 -14.97 -13.31 -20.11
C LEU A 89 -14.41 -14.39 -19.18
N TYR A 90 -15.22 -14.76 -18.18
CA TYR A 90 -14.86 -15.83 -17.26
C TYR A 90 -14.37 -17.07 -18.02
N ALA A 91 -15.21 -17.55 -18.94
CA ALA A 91 -14.90 -18.74 -19.71
C ALA A 91 -13.63 -18.60 -20.53
N ARG A 92 -13.44 -17.41 -21.12
CA ARG A 92 -12.25 -17.13 -21.91
C ARG A 92 -10.99 -17.25 -21.07
N PHE A 93 -11.05 -16.75 -19.84
CA PHE A 93 -9.92 -16.85 -18.93
C PHE A 93 -9.64 -18.31 -18.59
N THR A 94 -10.67 -19.04 -18.20
CA THR A 94 -10.53 -20.45 -17.83
C THR A 94 -9.98 -21.31 -18.97
N ALA A 95 -10.38 -20.98 -20.20
CA ALA A 95 -9.89 -21.69 -21.38
C ALA A 95 -8.39 -21.51 -21.53
N GLN A 96 -7.92 -20.26 -21.44
CA GLN A 96 -6.50 -19.97 -21.56
C GLN A 96 -5.73 -20.80 -20.56
N ILE A 97 -6.27 -20.90 -19.35
CA ILE A 97 -5.55 -21.58 -18.29
C ILE A 97 -5.57 -23.11 -18.46
N ARG A 98 -6.72 -23.75 -18.25
CA ARG A 98 -6.81 -25.20 -18.39
C ARG A 98 -6.32 -25.69 -19.76
N GLY A 99 -6.31 -24.78 -20.73
CA GLY A 99 -5.90 -25.10 -22.07
C GLY A 99 -4.42 -24.88 -22.32
N ALA A 100 -3.76 -24.17 -21.42
CA ALA A 100 -2.34 -23.91 -21.55
C ALA A 100 -1.54 -24.61 -20.46
N VAL A 101 -2.25 -25.15 -19.48
CA VAL A 101 -1.62 -26.00 -18.48
C VAL A 101 -2.53 -27.17 -18.13
N ASP A 102 -1.99 -28.38 -18.21
CA ASP A 102 -2.76 -29.56 -17.86
C ASP A 102 -2.18 -30.28 -16.64
N LEU A 103 -3.00 -30.38 -15.59
CA LEU A 103 -2.58 -30.94 -14.32
C LEU A 103 -2.36 -32.45 -14.41
N SER A 104 -2.46 -32.99 -15.63
CA SER A 104 -2.27 -34.41 -15.87
C SER A 104 -0.94 -34.91 -15.31
N LEU A 105 0.09 -34.06 -15.35
CA LEU A 105 1.45 -34.50 -14.99
C LEU A 105 1.99 -33.90 -13.71
N TYR A 106 1.11 -33.35 -12.87
CA TYR A 106 1.53 -32.74 -11.62
C TYR A 106 0.91 -33.41 -10.40
N PRO A 107 1.43 -34.60 -10.05
CA PRO A 107 0.97 -35.31 -8.86
C PRO A 107 1.12 -34.44 -7.62
N ARG A 108 0.00 -34.07 -7.02
CA ARG A 108 0.02 -33.28 -5.81
C ARG A 108 -0.26 -34.32 -4.73
N GLU A 109 0.69 -34.50 -3.82
CA GLU A 109 0.46 -35.34 -2.65
C GLU A 109 -0.41 -34.70 -1.58
N GLY A 110 -1.71 -34.97 -1.68
CA GLY A 110 -2.74 -34.38 -0.83
C GLY A 110 -2.86 -32.93 -0.40
N GLY A 111 -2.95 -32.04 -1.39
CA GLY A 111 -3.39 -30.66 -1.16
C GLY A 111 -2.24 -29.67 -1.28
N VAL A 112 -1.15 -30.12 -1.89
CA VAL A 112 0.01 -29.26 -2.10
C VAL A 112 0.21 -29.09 -3.60
N SER A 113 0.94 -28.06 -3.99
CA SER A 113 1.26 -27.82 -5.40
C SER A 113 2.77 -27.81 -5.60
N SER A 114 3.21 -28.44 -6.69
CA SER A 114 4.63 -28.51 -7.02
C SER A 114 5.21 -27.13 -7.33
N ARG A 115 6.50 -26.95 -7.04
CA ARG A 115 7.14 -25.69 -7.39
C ARG A 115 7.20 -25.54 -8.91
N GLU A 116 7.15 -26.68 -9.60
CA GLU A 116 7.17 -26.69 -11.06
C GLU A 116 5.81 -26.30 -11.64
N LEU A 117 4.75 -26.68 -10.93
CA LEU A 117 3.40 -26.29 -11.34
C LEU A 117 3.23 -24.79 -11.20
N VAL A 118 3.52 -24.27 -10.01
CA VAL A 118 3.41 -22.85 -9.73
C VAL A 118 4.22 -22.03 -10.73
N LYS A 119 5.49 -22.38 -10.89
CA LYS A 119 6.36 -21.68 -11.84
C LYS A 119 5.85 -21.81 -13.27
N LYS A 120 4.99 -22.79 -13.51
CA LYS A 120 4.39 -23.00 -14.82
C LYS A 120 3.22 -22.05 -15.04
N VAL A 121 2.24 -22.12 -14.13
CA VAL A 121 1.10 -21.20 -14.15
C VAL A 121 1.62 -19.76 -14.27
N SER A 122 2.71 -19.48 -13.59
CA SER A 122 3.37 -18.19 -13.69
C SER A 122 3.69 -17.91 -15.16
N ASP A 123 4.56 -18.73 -15.74
CA ASP A 123 4.97 -18.58 -17.12
C ASP A 123 3.80 -18.45 -18.09
N VAL A 124 2.75 -19.24 -17.85
CA VAL A 124 1.57 -19.20 -18.70
C VAL A 124 1.05 -17.78 -18.80
N ILE A 125 0.84 -17.17 -17.65
CA ILE A 125 0.33 -15.80 -17.58
C ILE A 125 1.34 -14.78 -18.12
N TRP A 126 2.61 -14.99 -17.78
CA TRP A 126 3.68 -14.08 -18.17
C TRP A 126 3.84 -13.98 -19.69
N ASN A 127 3.79 -15.12 -20.36
CA ASN A 127 3.96 -15.17 -21.81
C ASN A 127 2.69 -14.74 -22.53
N SER A 128 1.58 -14.75 -21.80
CA SER A 128 0.30 -14.28 -22.31
C SER A 128 0.29 -12.77 -22.35
N LEU A 129 1.29 -12.14 -21.74
CA LEU A 129 1.32 -10.69 -21.59
C LEU A 129 1.65 -9.98 -22.89
N SER A 130 1.26 -8.71 -22.98
CA SER A 130 1.49 -7.92 -24.18
C SER A 130 2.95 -7.53 -24.33
N ARG A 131 3.37 -7.26 -25.55
CA ARG A 131 4.74 -6.82 -25.78
C ARG A 131 4.84 -5.29 -25.78
N SER A 132 3.79 -4.62 -26.26
CA SER A 132 3.83 -3.17 -26.42
C SER A 132 2.97 -2.39 -25.41
N TYR A 133 3.52 -2.11 -24.23
CA TYR A 133 2.84 -1.22 -23.28
C TYR A 133 3.71 -0.72 -22.14
N PHE A 134 3.31 0.43 -21.61
CA PHE A 134 3.95 1.03 -20.45
C PHE A 134 3.41 0.40 -19.18
N LYS A 135 4.33 -0.01 -18.31
CA LYS A 135 3.98 -0.81 -17.14
C LYS A 135 3.45 -0.04 -15.94
N ASP A 136 3.31 1.27 -16.07
CA ASP A 136 2.93 2.10 -14.94
C ASP A 136 1.62 2.84 -15.19
N ARG A 137 0.93 2.46 -16.26
CA ARG A 137 -0.26 3.21 -16.63
C ARG A 137 -1.46 2.80 -15.79
N ALA A 138 -2.50 3.63 -15.81
CA ALA A 138 -3.66 3.43 -14.95
C ALA A 138 -4.68 2.46 -15.51
N HIS A 139 -5.28 1.67 -14.62
CA HIS A 139 -6.40 0.80 -14.96
C HIS A 139 -5.99 -0.45 -15.75
N ILE A 140 -4.92 -1.11 -15.32
CA ILE A 140 -4.56 -2.40 -15.89
C ILE A 140 -4.21 -3.39 -14.78
N GLN A 141 -4.93 -3.27 -13.68
CA GLN A 141 -4.70 -4.10 -12.53
C GLN A 141 -5.59 -5.35 -12.53
N SER A 142 -6.78 -5.23 -13.15
CA SER A 142 -7.77 -6.30 -13.11
C SER A 142 -7.54 -7.37 -14.18
N LEU A 143 -8.18 -8.52 -13.99
CA LEU A 143 -8.18 -9.56 -15.00
C LEU A 143 -8.99 -9.11 -16.22
N PHE A 144 -9.90 -8.16 -16.02
CA PHE A 144 -10.64 -7.59 -17.13
C PHE A 144 -9.63 -7.01 -18.10
N SER A 145 -8.61 -6.37 -17.54
CA SER A 145 -7.54 -5.80 -18.34
C SER A 145 -6.74 -6.92 -19.01
N PHE A 146 -6.35 -7.91 -18.21
CA PHE A 146 -5.59 -9.05 -18.74
C PHE A 146 -6.27 -9.69 -19.94
N ILE A 147 -7.50 -10.18 -19.74
CA ILE A 147 -8.25 -10.86 -20.79
C ILE A 147 -8.58 -9.95 -21.98
N THR A 148 -8.86 -8.68 -21.70
CA THR A 148 -9.31 -7.76 -22.74
C THR A 148 -8.19 -7.17 -23.60
N GLY A 149 -7.18 -6.60 -22.96
CA GLY A 149 -6.11 -5.94 -23.68
C GLY A 149 -4.74 -6.51 -23.40
N THR A 150 -4.68 -7.54 -22.56
CA THR A 150 -3.43 -8.23 -22.30
C THR A 150 -2.47 -7.39 -21.44
N LYS A 151 -2.98 -6.31 -20.87
CA LYS A 151 -2.15 -5.41 -20.07
C LYS A 151 -2.36 -5.63 -18.57
N LEU A 152 -1.27 -5.72 -17.83
CA LEU A 152 -1.32 -5.93 -16.39
C LEU A 152 -0.13 -5.21 -15.76
N ASP A 153 -0.34 -4.56 -14.62
CA ASP A 153 0.76 -3.89 -13.90
C ASP A 153 1.44 -4.83 -12.91
N SER A 154 2.55 -4.37 -12.34
CA SER A 154 3.42 -5.21 -11.52
C SER A 154 2.63 -6.07 -10.54
N SER A 155 1.93 -5.45 -9.59
CA SER A 155 1.14 -6.20 -8.62
C SER A 155 0.03 -7.03 -9.28
N GLY A 156 -0.55 -6.50 -10.35
CA GLY A 156 -1.64 -7.17 -11.03
C GLY A 156 -1.26 -8.53 -11.58
N VAL A 157 0.01 -8.69 -11.94
CA VAL A 157 0.49 -9.96 -12.49
C VAL A 157 0.44 -11.04 -11.43
N ALA A 158 0.90 -10.71 -10.23
CA ALA A 158 0.90 -11.65 -9.11
C ALA A 158 -0.54 -12.03 -8.78
N PHE A 159 -1.44 -11.06 -8.79
CA PHE A 159 -2.84 -11.33 -8.53
C PHE A 159 -3.38 -12.32 -9.57
N ALA A 160 -3.01 -12.10 -10.83
CA ALA A 160 -3.43 -12.98 -11.91
C ALA A 160 -2.97 -14.40 -11.66
N VAL A 161 -1.67 -14.58 -11.43
CA VAL A 161 -1.11 -15.90 -11.15
C VAL A 161 -1.89 -16.64 -10.06
N VAL A 162 -2.26 -15.91 -9.00
CA VAL A 162 -3.03 -16.51 -7.92
C VAL A 162 -4.46 -16.88 -8.36
N GLY A 163 -5.10 -15.98 -9.08
CA GLY A 163 -6.44 -16.25 -9.59
C GLY A 163 -6.44 -17.44 -10.53
N ALA A 164 -5.41 -17.51 -11.37
CA ALA A 164 -5.23 -18.62 -12.30
C ALA A 164 -5.18 -19.96 -11.58
N CYS A 165 -4.50 -19.99 -10.43
CA CYS A 165 -4.37 -21.23 -9.69
C CYS A 165 -5.69 -21.68 -9.06
N GLN A 166 -6.49 -20.71 -8.63
CA GLN A 166 -7.81 -21.01 -8.13
C GLN A 166 -8.63 -21.64 -9.23
N ALA A 167 -8.43 -21.17 -10.46
CA ALA A 167 -9.13 -21.71 -11.62
C ALA A 167 -8.74 -23.16 -11.90
N LEU A 168 -7.48 -23.50 -11.61
CA LEU A 168 -7.00 -24.85 -11.81
C LEU A 168 -7.29 -25.77 -10.63
N GLY A 169 -7.82 -25.19 -9.55
CA GLY A 169 -8.19 -25.97 -8.38
C GLY A 169 -7.19 -25.88 -7.24
N LEU A 170 -5.97 -25.41 -7.51
CA LEU A 170 -4.94 -25.34 -6.49
C LEU A 170 -5.33 -24.31 -5.43
N ARG A 171 -5.55 -24.78 -4.21
CA ARG A 171 -6.07 -23.92 -3.15
C ARG A 171 -5.05 -23.65 -2.05
N ASP A 172 -3.78 -23.84 -2.38
CA ASP A 172 -2.69 -23.63 -1.43
C ASP A 172 -1.81 -22.47 -1.86
N VAL A 173 -2.02 -22.00 -3.09
CA VAL A 173 -1.27 -20.88 -3.65
C VAL A 173 -1.94 -19.58 -3.26
N HIS A 174 -1.17 -18.66 -2.66
CA HIS A 174 -1.72 -17.40 -2.17
C HIS A 174 -0.87 -16.18 -2.45
N LEU A 175 -1.52 -15.01 -2.43
CA LEU A 175 -0.84 -13.75 -2.68
C LEU A 175 -0.05 -13.33 -1.43
N ALA A 176 1.19 -12.92 -1.66
CA ALA A 176 2.04 -12.44 -0.57
C ALA A 176 2.33 -10.97 -0.81
N LEU A 177 2.03 -10.15 0.18
CA LEU A 177 2.07 -8.70 0.03
C LEU A 177 2.96 -8.01 1.03
N SER A 178 4.05 -7.41 0.55
CA SER A 178 4.81 -6.46 1.35
C SER A 178 4.19 -5.10 1.05
N GLU A 179 4.90 -4.02 1.38
CA GLU A 179 4.36 -2.68 1.16
C GLU A 179 4.59 -2.14 -0.25
N ASP A 180 5.47 -2.79 -0.99
CA ASP A 180 5.82 -2.31 -2.34
C ASP A 180 6.01 -3.45 -3.33
N HIS A 181 5.69 -4.67 -2.92
CA HIS A 181 5.91 -5.81 -3.79
C HIS A 181 4.84 -6.87 -3.66
N ALA A 182 4.84 -7.81 -4.60
CA ALA A 182 3.93 -8.94 -4.55
C ALA A 182 4.62 -10.18 -5.10
N TRP A 183 4.36 -11.31 -4.47
CA TRP A 183 4.84 -12.60 -4.96
C TRP A 183 3.87 -13.66 -4.48
N VAL A 184 4.23 -14.92 -4.64
CA VAL A 184 3.30 -16.01 -4.32
C VAL A 184 3.85 -16.94 -3.23
N VAL A 185 2.97 -17.36 -2.32
CA VAL A 185 3.33 -18.35 -1.33
C VAL A 185 2.52 -19.62 -1.57
N PHE A 186 3.13 -20.78 -1.28
CA PHE A 186 2.50 -22.06 -1.52
C PHE A 186 3.21 -23.14 -0.73
N GLY A 187 2.66 -24.35 -0.77
CA GLY A 187 3.19 -25.44 0.02
C GLY A 187 2.30 -25.71 1.21
N PRO A 188 2.63 -26.76 1.98
CA PRO A 188 1.91 -27.13 3.20
C PRO A 188 2.28 -26.16 4.32
N ASN A 189 1.27 -25.50 4.87
CA ASN A 189 1.46 -24.41 5.83
C ASN A 189 1.94 -23.12 5.15
N GLY A 190 2.00 -23.15 3.82
CA GLY A 190 2.32 -21.99 3.02
C GLY A 190 3.61 -21.28 3.42
N GLU A 191 4.70 -22.03 3.47
CA GLU A 191 5.99 -21.45 3.82
C GLU A 191 6.96 -21.42 2.64
N GLN A 192 6.58 -22.07 1.54
CA GLN A 192 7.38 -22.03 0.32
C GLN A 192 6.95 -20.81 -0.52
N THR A 193 7.91 -20.10 -1.09
CA THR A 193 7.60 -18.86 -1.82
C THR A 193 8.15 -18.82 -3.24
N ALA A 194 7.59 -17.95 -4.07
CA ALA A 194 8.03 -17.80 -5.45
C ALA A 194 7.84 -16.37 -5.98
N GLU A 195 8.79 -15.93 -6.80
CA GLU A 195 8.71 -14.62 -7.44
C GLU A 195 8.03 -14.74 -8.81
N VAL A 196 7.02 -13.91 -9.06
CA VAL A 196 6.24 -14.06 -10.28
C VAL A 196 6.11 -12.81 -11.14
N THR A 197 6.49 -11.66 -10.57
CA THR A 197 6.34 -10.39 -11.25
C THR A 197 7.62 -9.57 -11.10
N TRP A 198 7.76 -8.51 -11.89
CA TRP A 198 8.94 -7.67 -11.86
C TRP A 198 8.78 -6.62 -10.76
N HIS A 199 9.84 -5.83 -10.56
CA HIS A 199 9.80 -4.77 -9.55
C HIS A 199 10.53 -3.50 -9.98
N GLY A 200 9.90 -2.36 -9.74
CA GLY A 200 10.47 -1.08 -10.16
C GLY A 200 10.45 -0.89 -11.66
N LYS A 201 11.10 0.16 -12.13
CA LYS A 201 11.17 0.46 -13.56
C LYS A 201 11.86 -0.67 -14.31
N GLY A 202 12.98 -1.14 -13.77
CA GLY A 202 13.75 -2.21 -14.37
C GLY A 202 13.00 -3.53 -14.47
N ASN A 203 12.86 -4.04 -15.68
CA ASN A 203 12.21 -5.33 -15.92
C ASN A 203 12.92 -6.50 -15.24
N GLU A 204 13.96 -6.19 -14.48
CA GLU A 204 14.68 -7.19 -13.70
C GLU A 204 13.73 -8.03 -12.85
N ASP A 205 13.60 -9.30 -13.22
CA ASP A 205 12.81 -10.25 -12.44
C ASP A 205 13.71 -11.31 -11.80
N ARG A 206 13.20 -11.95 -10.75
CA ARG A 206 13.90 -13.03 -10.08
C ARG A 206 12.96 -14.23 -10.12
N ARG A 207 12.28 -14.39 -11.24
CA ARG A 207 11.24 -15.41 -11.34
C ARG A 207 11.79 -16.80 -11.10
N GLY A 208 11.03 -17.60 -10.37
CA GLY A 208 11.46 -18.96 -10.06
C GLY A 208 12.39 -18.98 -8.87
N GLN A 209 12.94 -17.81 -8.51
CA GLN A 209 13.79 -17.71 -7.33
C GLN A 209 12.93 -17.47 -6.09
N THR A 210 13.55 -17.62 -4.92
CA THR A 210 12.85 -17.47 -3.65
C THR A 210 13.15 -16.13 -3.01
N VAL A 211 12.29 -15.69 -2.10
CA VAL A 211 12.47 -14.41 -1.41
C VAL A 211 13.54 -14.47 -0.32
N ASN A 212 13.92 -15.68 0.07
CA ASN A 212 14.86 -15.89 1.17
C ASN A 212 16.04 -14.92 1.18
N ALA A 213 16.54 -14.59 -0.01
CA ALA A 213 17.70 -13.71 -0.13
C ALA A 213 17.36 -12.26 0.21
N GLY A 214 16.15 -11.84 -0.16
CA GLY A 214 15.70 -10.49 0.11
C GLY A 214 15.34 -10.30 1.58
N VAL A 215 14.72 -11.31 2.17
CA VAL A 215 14.43 -11.27 3.59
C VAL A 215 15.73 -11.25 4.38
N ALA A 216 16.69 -12.03 3.92
CA ALA A 216 17.99 -12.15 4.59
C ALA A 216 18.73 -10.82 4.69
N GLU A 217 18.76 -10.08 3.58
CA GLU A 217 19.54 -8.84 3.50
C GLU A 217 18.90 -7.67 4.24
N ARG A 218 17.83 -7.95 4.98
CA ARG A 218 17.19 -6.95 5.83
C ARG A 218 16.67 -5.74 5.06
N SER A 219 16.18 -5.96 3.84
CA SER A 219 15.63 -4.86 3.04
C SER A 219 14.14 -4.66 3.34
N TRP A 220 13.66 -3.46 3.10
CA TRP A 220 12.27 -3.10 3.38
C TRP A 220 11.30 -3.71 2.38
N LEU A 221 11.80 -4.03 1.19
CA LEU A 221 10.97 -4.64 0.16
C LEU A 221 10.32 -5.92 0.68
N TYR A 222 11.04 -6.62 1.55
CA TYR A 222 10.59 -7.93 2.03
C TYR A 222 10.25 -7.93 3.53
N LEU A 223 10.39 -6.77 4.16
CA LEU A 223 9.91 -6.57 5.53
C LEU A 223 10.50 -7.53 6.57
N LYS A 224 11.77 -7.89 6.42
CA LYS A 224 12.40 -8.83 7.34
C LYS A 224 11.47 -10.01 7.63
N GLY A 225 10.81 -10.51 6.60
CA GLY A 225 9.96 -11.69 6.72
C GLY A 225 8.59 -11.47 7.33
N SER A 226 8.27 -10.23 7.68
CA SER A 226 6.98 -9.92 8.31
C SER A 226 5.95 -9.43 7.29
N TYR A 227 6.10 -9.87 6.04
CA TYR A 227 5.16 -9.52 4.98
C TYR A 227 3.84 -10.27 5.12
N MET A 228 2.81 -9.78 4.45
CA MET A 228 1.48 -10.39 4.54
C MET A 228 1.41 -11.71 3.78
N ARG A 229 0.82 -12.72 4.42
CA ARG A 229 0.45 -13.95 3.72
C ARG A 229 -1.06 -13.96 3.66
N CYS A 230 -1.59 -13.87 2.45
CA CYS A 230 -3.03 -13.73 2.27
C CYS A 230 -3.83 -15.04 2.35
N ASP A 231 -5.14 -14.87 2.41
CA ASP A 231 -6.07 -15.95 2.20
C ASP A 231 -7.09 -15.40 1.21
N ARG A 232 -7.93 -16.26 0.67
CA ARG A 232 -8.93 -15.83 -0.30
C ARG A 232 -9.59 -14.51 0.09
N LYS A 233 -9.93 -14.37 1.36
CA LYS A 233 -10.62 -13.17 1.84
C LYS A 233 -9.75 -11.91 1.77
N MET A 234 -8.47 -12.05 2.15
CA MET A 234 -7.55 -10.91 2.11
C MET A 234 -7.26 -10.48 0.67
N GLU A 235 -7.22 -11.46 -0.22
CA GLU A 235 -6.92 -11.22 -1.63
C GLU A 235 -8.07 -10.45 -2.28
N VAL A 236 -9.27 -10.66 -1.78
CA VAL A 236 -10.43 -9.87 -2.23
C VAL A 236 -10.29 -8.42 -1.78
N ALA A 237 -9.69 -8.23 -0.60
CA ALA A 237 -9.44 -6.90 -0.08
C ALA A 237 -8.43 -6.17 -0.95
N PHE A 238 -7.31 -6.84 -1.23
CA PHE A 238 -6.29 -6.31 -2.11
C PHE A 238 -6.93 -5.78 -3.38
N MET A 239 -7.78 -6.61 -3.95
CA MET A 239 -8.53 -6.29 -5.17
C MET A 239 -9.31 -4.99 -5.02
N VAL A 240 -10.00 -4.83 -3.90
CA VAL A 240 -10.78 -3.62 -3.65
C VAL A 240 -9.87 -2.41 -3.54
N CYS A 241 -8.69 -2.62 -2.96
CA CYS A 241 -7.70 -1.56 -2.79
C CYS A 241 -6.98 -1.24 -4.09
N ALA A 242 -7.05 -2.17 -5.04
CA ALA A 242 -6.44 -1.98 -6.36
C ALA A 242 -7.35 -1.15 -7.25
N ILE A 243 -8.60 -1.00 -6.85
CA ILE A 243 -9.53 -0.16 -7.60
C ILE A 243 -8.95 1.24 -7.75
N ASN A 244 -8.83 1.69 -9.00
CA ASN A 244 -8.24 3.00 -9.28
C ASN A 244 -9.27 3.99 -9.81
N PRO A 245 -9.83 4.81 -8.91
CA PRO A 245 -10.92 5.75 -9.24
C PRO A 245 -10.47 6.97 -10.03
N SER A 246 -9.21 7.00 -10.44
CA SER A 246 -8.68 8.16 -11.16
C SER A 246 -9.14 8.19 -12.62
N ILE A 247 -9.92 9.21 -12.96
CA ILE A 247 -10.31 9.44 -14.35
C ILE A 247 -9.18 10.16 -15.04
N ASP A 248 -8.54 11.05 -14.28
CA ASP A 248 -7.53 11.97 -14.81
C ASP A 248 -6.65 12.44 -13.65
N LEU A 249 -5.53 13.07 -13.97
CA LEU A 249 -4.57 13.52 -12.96
C LEU A 249 -5.25 14.38 -11.89
N HIS A 250 -6.35 15.03 -12.24
CA HIS A 250 -7.03 15.93 -11.31
C HIS A 250 -8.49 15.55 -11.10
N THR A 251 -8.99 14.61 -11.89
CA THR A 251 -10.39 14.21 -11.79
C THR A 251 -10.52 12.79 -11.23
N ASP A 252 -11.58 12.54 -10.46
CA ASP A 252 -11.85 11.20 -9.92
C ASP A 252 -13.31 10.81 -10.14
N SER A 253 -13.56 9.51 -10.29
CA SER A 253 -14.90 9.00 -10.48
C SER A 253 -15.64 8.84 -9.16
N LEU A 254 -16.70 9.60 -8.99
CA LEU A 254 -17.47 9.58 -7.77
C LEU A 254 -17.95 8.15 -7.46
N GLU A 255 -18.54 7.50 -8.47
CA GLU A 255 -19.10 6.17 -8.29
C GLU A 255 -18.03 5.17 -7.84
N LEU A 256 -16.84 5.27 -8.43
CA LEU A 256 -15.75 4.35 -8.10
C LEU A 256 -15.22 4.57 -6.69
N LEU A 257 -15.37 5.79 -6.19
CA LEU A 257 -14.96 6.11 -4.83
C LEU A 257 -15.96 5.56 -3.81
N GLN A 258 -17.24 5.81 -4.05
CA GLN A 258 -18.30 5.25 -3.23
C GLN A 258 -18.16 3.73 -3.23
N LEU A 259 -18.07 3.15 -4.42
CA LEU A 259 -17.91 1.71 -4.56
C LEU A 259 -16.80 1.13 -3.68
N GLN A 260 -15.59 1.68 -3.84
CA GLN A 260 -14.42 1.17 -3.12
C GLN A 260 -14.54 1.39 -1.62
N GLN A 261 -15.14 2.52 -1.25
CA GLN A 261 -15.34 2.84 0.15
C GLN A 261 -16.28 1.86 0.82
N LYS A 262 -17.40 1.57 0.16
CA LYS A 262 -18.39 0.63 0.65
C LYS A 262 -17.81 -0.78 0.79
N LEU A 263 -17.16 -1.26 -0.27
CA LEU A 263 -16.56 -2.59 -0.27
C LEU A 263 -15.52 -2.77 0.83
N LEU A 264 -14.91 -1.68 1.27
CA LEU A 264 -13.92 -1.77 2.34
C LEU A 264 -14.62 -1.95 3.68
N TRP A 265 -15.73 -1.23 3.87
CA TRP A 265 -16.55 -1.42 5.06
C TRP A 265 -17.07 -2.85 5.13
N LEU A 266 -17.70 -3.29 4.04
CA LEU A 266 -18.14 -4.68 3.95
C LEU A 266 -17.06 -5.60 4.51
N LEU A 267 -15.84 -5.41 4.00
CA LEU A 267 -14.69 -6.20 4.41
C LEU A 267 -14.32 -5.96 5.87
N TYR A 268 -14.56 -4.74 6.36
CA TYR A 268 -14.27 -4.37 7.74
C TYR A 268 -15.25 -5.04 8.72
N ASP A 269 -16.54 -4.95 8.41
CA ASP A 269 -17.57 -5.56 9.25
C ASP A 269 -17.38 -7.07 9.30
N LEU A 270 -17.01 -7.66 8.16
CA LEU A 270 -16.70 -9.09 8.11
C LEU A 270 -15.35 -9.37 8.76
N GLY A 271 -14.70 -8.32 9.28
CA GLY A 271 -13.44 -8.45 9.99
C GLY A 271 -12.24 -8.82 9.14
N HIS A 272 -12.42 -8.86 7.82
CA HIS A 272 -11.35 -9.27 6.92
C HIS A 272 -10.28 -8.19 6.70
N LEU A 273 -10.49 -7.01 7.27
CA LEU A 273 -9.50 -5.95 7.22
C LEU A 273 -8.54 -6.06 8.40
N GLU A 274 -8.84 -6.99 9.30
CA GLU A 274 -8.15 -7.11 10.58
C GLU A 274 -6.63 -7.22 10.47
N ARG A 275 -6.15 -7.92 9.44
CA ARG A 275 -4.71 -8.13 9.29
C ARG A 275 -4.13 -7.35 8.12
N TYR A 276 -4.86 -6.35 7.66
CA TYR A 276 -4.45 -5.57 6.50
C TYR A 276 -4.35 -4.09 6.89
N PRO A 277 -3.22 -3.71 7.49
CA PRO A 277 -3.02 -2.34 7.99
C PRO A 277 -3.25 -1.28 6.91
N MET A 278 -2.63 -1.46 5.75
CA MET A 278 -2.72 -0.49 4.65
C MET A 278 -4.16 -0.29 4.18
N ALA A 279 -4.94 -1.36 4.20
CA ALA A 279 -6.36 -1.28 3.87
C ALA A 279 -7.07 -0.35 4.85
N LEU A 280 -6.79 -0.52 6.13
CA LEU A 280 -7.33 0.38 7.15
C LEU A 280 -6.97 1.82 6.81
N GLY A 281 -5.74 2.02 6.37
CA GLY A 281 -5.29 3.34 5.97
C GLY A 281 -6.10 3.92 4.82
N ASN A 282 -6.18 3.17 3.73
CA ASN A 282 -6.98 3.58 2.59
C ASN A 282 -8.39 3.97 3.01
N LEU A 283 -9.07 3.07 3.73
CA LEU A 283 -10.41 3.33 4.23
C LEU A 283 -10.46 4.66 4.97
N ALA A 284 -9.49 4.87 5.85
CA ALA A 284 -9.38 6.12 6.58
C ALA A 284 -9.37 7.34 5.64
N ASP A 285 -8.33 7.45 4.82
CA ASP A 285 -8.21 8.57 3.87
C ASP A 285 -9.51 8.82 3.11
N LEU A 286 -10.16 7.74 2.69
CA LEU A 286 -11.44 7.86 1.99
C LEU A 286 -12.41 8.66 2.85
N GLU A 287 -12.68 8.15 4.04
CA GLU A 287 -13.61 8.77 4.97
C GLU A 287 -13.37 10.27 5.15
N GLU A 288 -12.13 10.64 5.46
CA GLU A 288 -11.78 12.04 5.65
C GLU A 288 -12.44 12.95 4.62
N LEU A 289 -12.46 12.51 3.37
CA LEU A 289 -13.00 13.31 2.26
C LEU A 289 -14.52 13.30 2.18
N GLU A 290 -15.11 12.10 2.26
CA GLU A 290 -16.56 11.94 2.22
C GLU A 290 -17.03 10.94 3.25
N PRO A 291 -17.15 11.38 4.52
CA PRO A 291 -17.53 10.52 5.66
C PRO A 291 -18.92 9.89 5.48
N THR A 292 -19.08 8.70 6.04
CA THR A 292 -20.37 8.03 6.06
C THR A 292 -20.94 8.00 7.47
N PRO A 293 -22.27 8.22 7.58
CA PRO A 293 -23.00 8.27 8.85
C PRO A 293 -22.94 6.98 9.66
N GLY A 294 -22.58 7.10 10.94
CA GLY A 294 -22.55 5.97 11.85
C GLY A 294 -21.23 5.22 11.85
N ARG A 295 -20.29 5.68 11.04
CA ARG A 295 -18.98 5.05 10.99
C ARG A 295 -17.96 5.84 11.79
N PRO A 296 -16.93 5.15 12.32
CA PRO A 296 -15.84 5.75 13.10
C PRO A 296 -15.10 6.86 12.36
N ASP A 297 -14.40 7.71 13.09
CA ASP A 297 -13.62 8.78 12.49
C ASP A 297 -12.40 8.23 11.75
N PRO A 298 -11.86 9.01 10.81
CA PRO A 298 -10.58 8.69 10.19
C PRO A 298 -9.52 8.38 11.24
N LEU A 299 -9.30 9.31 12.17
CA LEU A 299 -8.28 9.13 13.19
C LEU A 299 -8.43 7.79 13.92
N THR A 300 -9.67 7.42 14.21
CA THR A 300 -9.94 6.13 14.83
C THR A 300 -9.29 5.02 14.00
N LEU A 301 -9.52 5.07 12.69
CA LEU A 301 -9.09 4.03 11.76
C LEU A 301 -7.57 3.92 11.58
N TYR A 302 -6.87 5.05 11.51
CA TYR A 302 -5.42 5.01 11.35
C TYR A 302 -4.79 4.21 12.48
N HIS A 303 -5.36 4.36 13.68
CA HIS A 303 -4.87 3.64 14.84
C HIS A 303 -5.20 2.16 14.78
N LYS A 304 -6.44 1.82 14.44
CA LYS A 304 -6.78 0.41 14.27
C LYS A 304 -5.82 -0.21 13.25
N GLY A 305 -5.33 0.63 12.34
CA GLY A 305 -4.36 0.21 11.35
C GLY A 305 -2.98 -0.05 11.94
N ILE A 306 -2.53 0.84 12.81
CA ILE A 306 -1.25 0.66 13.49
C ILE A 306 -1.33 -0.51 14.47
N ALA A 307 -2.45 -0.61 15.17
CA ALA A 307 -2.68 -1.72 16.09
C ALA A 307 -2.41 -3.03 15.38
N SER A 308 -2.98 -3.16 14.17
CA SER A 308 -2.81 -4.35 13.36
C SER A 308 -1.35 -4.61 13.03
N ALA A 309 -0.63 -3.55 12.69
CA ALA A 309 0.78 -3.67 12.36
C ALA A 309 1.55 -4.29 13.52
N LYS A 310 1.36 -3.74 14.71
CA LYS A 310 2.06 -4.22 15.90
C LYS A 310 1.66 -5.65 16.25
N THR A 311 0.36 -5.89 16.38
CA THR A 311 -0.16 -7.24 16.64
C THR A 311 0.41 -8.30 15.69
N TYR A 312 0.03 -8.23 14.41
CA TYR A 312 0.27 -9.33 13.48
C TYR A 312 1.55 -9.26 12.64
N TYR A 313 2.28 -8.14 12.71
CA TYR A 313 3.46 -8.00 11.86
C TYR A 313 4.71 -7.43 12.54
N ARG A 314 4.82 -7.66 13.85
CA ARG A 314 5.97 -7.21 14.62
C ARG A 314 6.18 -5.70 14.57
N ASP A 315 5.10 -4.96 14.31
CA ASP A 315 5.18 -3.51 14.18
C ASP A 315 6.30 -3.12 13.19
N GLU A 316 6.48 -3.92 12.15
CA GLU A 316 7.59 -3.73 11.23
C GLU A 316 7.17 -3.02 9.94
N HIS A 317 5.93 -2.52 9.91
CA HIS A 317 5.40 -1.84 8.73
C HIS A 317 5.48 -0.32 8.85
N ILE A 318 5.86 0.34 7.75
CA ILE A 318 6.09 1.79 7.75
C ILE A 318 4.84 2.63 7.49
N TYR A 319 4.02 2.20 6.53
CA TYR A 319 2.90 3.01 6.03
C TYR A 319 1.80 3.41 7.03
N PRO A 320 1.51 2.58 8.03
CA PRO A 320 0.44 2.96 8.96
C PRO A 320 0.77 4.25 9.71
N TYR A 321 2.05 4.56 9.85
CA TYR A 321 2.48 5.81 10.46
C TYR A 321 2.45 6.92 9.42
N MET A 322 3.03 6.64 8.26
CA MET A 322 3.02 7.58 7.15
C MET A 322 1.61 8.06 6.87
N TYR A 323 0.67 7.13 6.89
CA TYR A 323 -0.75 7.42 6.72
C TYR A 323 -1.21 8.46 7.73
N LEU A 324 -0.92 8.20 9.00
CA LEU A 324 -1.34 9.05 10.11
C LEU A 324 -0.63 10.41 10.07
N ALA A 325 0.69 10.39 9.92
CA ALA A 325 1.46 11.62 9.79
C ALA A 325 0.87 12.52 8.71
N GLY A 326 0.42 11.91 7.62
CA GLY A 326 -0.22 12.63 6.55
C GLY A 326 -1.47 13.34 7.02
N TYR A 327 -2.37 12.58 7.66
CA TYR A 327 -3.64 13.13 8.14
C TYR A 327 -3.42 14.42 8.92
N HIS A 328 -2.49 14.40 9.87
CA HIS A 328 -2.19 15.58 10.66
C HIS A 328 -1.59 16.70 9.81
N CYS A 329 -0.56 16.36 9.04
CA CYS A 329 0.09 17.35 8.18
C CYS A 329 -0.94 18.07 7.32
N ARG A 330 -1.86 17.31 6.72
CA ARG A 330 -2.93 17.89 5.93
C ARG A 330 -3.86 18.71 6.82
N ASN A 331 -4.12 18.21 8.03
CA ASN A 331 -4.96 18.91 9.00
C ASN A 331 -4.19 19.90 9.88
N ARG A 332 -2.99 20.27 9.45
CA ARG A 332 -2.15 21.26 10.13
C ARG A 332 -2.02 21.06 11.64
N ASN A 333 -1.61 19.87 12.04
CA ASN A 333 -1.33 19.55 13.44
C ASN A 333 0.12 19.12 13.59
N VAL A 334 1.02 20.09 13.50
CA VAL A 334 2.47 19.85 13.55
C VAL A 334 2.92 18.86 14.62
N ARG A 335 2.56 19.13 15.88
CA ARG A 335 2.94 18.26 16.99
C ARG A 335 2.66 16.79 16.66
N GLU A 336 1.39 16.48 16.44
CA GLU A 336 0.97 15.11 16.17
C GLU A 336 1.64 14.53 14.92
N ALA A 337 1.90 15.38 13.94
CA ALA A 337 2.55 14.96 12.69
C ALA A 337 4.00 14.52 12.91
N LEU A 338 4.80 15.43 13.46
CA LEU A 338 6.21 15.15 13.77
C LEU A 338 6.37 13.92 14.64
N GLN A 339 5.39 13.68 15.50
CA GLN A 339 5.38 12.49 16.33
C GLN A 339 5.40 11.22 15.47
N ALA A 340 4.44 11.13 14.55
CA ALA A 340 4.27 9.96 13.70
C ALA A 340 5.42 9.75 12.73
N TRP A 341 5.95 10.84 12.19
CA TRP A 341 7.11 10.75 11.31
C TRP A 341 8.30 10.17 12.06
N ALA A 342 8.40 10.50 13.34
CA ALA A 342 9.45 9.95 14.20
C ALA A 342 9.20 8.46 14.41
N ASP A 343 7.96 8.11 14.75
CA ASP A 343 7.55 6.71 14.88
C ASP A 343 7.95 5.91 13.65
N THR A 344 7.84 6.55 12.49
CA THR A 344 8.20 5.92 11.23
C THR A 344 9.68 5.56 11.21
N ALA A 345 10.53 6.55 11.46
CA ALA A 345 11.97 6.34 11.49
C ALA A 345 12.34 5.30 12.54
N THR A 346 11.53 5.23 13.60
CA THR A 346 11.75 4.23 14.64
C THR A 346 11.66 2.80 14.08
N VAL A 347 10.86 2.61 13.04
CA VAL A 347 10.76 1.30 12.40
C VAL A 347 11.90 1.11 11.39
N ILE A 348 12.09 2.11 10.53
CA ILE A 348 13.06 2.01 9.45
C ILE A 348 14.49 1.80 9.95
N GLN A 349 14.73 2.16 11.21
CA GLN A 349 16.09 2.15 11.76
C GLN A 349 16.71 0.76 11.81
N ASP A 350 15.87 -0.26 11.97
CA ASP A 350 16.36 -1.63 12.04
C ASP A 350 16.35 -2.33 10.67
N TYR A 351 16.38 -1.52 9.62
CA TYR A 351 16.48 -2.03 8.25
C TYR A 351 17.79 -1.62 7.61
N ASN A 352 17.98 -2.07 6.38
CA ASN A 352 19.08 -1.61 5.55
C ASN A 352 18.54 -1.03 4.23
N TYR A 353 19.09 0.10 3.81
CA TYR A 353 18.70 0.68 2.53
C TYR A 353 19.31 -0.12 1.38
N CYS A 354 18.47 -0.81 0.61
CA CYS A 354 18.94 -1.67 -0.47
C CYS A 354 18.52 -1.13 -1.83
N ARG A 355 19.03 -1.75 -2.88
CA ARG A 355 18.74 -1.33 -4.25
C ARG A 355 17.26 -1.13 -4.54
N GLU A 356 16.44 -2.11 -4.16
CA GLU A 356 15.03 -2.10 -4.50
C GLU A 356 14.17 -1.29 -3.53
N ASP A 357 14.78 -0.70 -2.52
CA ASP A 357 14.04 0.06 -1.52
C ASP A 357 13.88 1.53 -1.89
N GLU A 358 14.08 1.85 -3.17
CA GLU A 358 14.04 3.24 -3.62
C GLU A 358 12.76 3.97 -3.27
N GLU A 359 11.62 3.28 -3.34
CA GLU A 359 10.33 3.93 -3.13
C GLU A 359 10.22 4.55 -1.74
N ILE A 360 10.66 3.82 -0.71
CA ILE A 360 10.56 4.32 0.65
C ILE A 360 11.60 5.40 0.94
N TYR A 361 12.76 5.28 0.29
CA TYR A 361 13.80 6.30 0.40
C TYR A 361 13.19 7.65 0.04
N LYS A 362 12.58 7.70 -1.14
CA LYS A 362 11.95 8.92 -1.64
C LYS A 362 10.85 9.42 -0.73
N GLU A 363 10.21 8.50 -0.02
CA GLU A 363 9.11 8.87 0.87
C GLU A 363 9.64 9.62 2.10
N PHE A 364 10.84 9.29 2.55
CA PHE A 364 11.47 9.99 3.68
C PHE A 364 12.10 11.28 3.20
N PHE A 365 12.69 11.23 2.00
CA PHE A 365 13.33 12.38 1.38
C PHE A 365 12.35 13.54 1.24
N GLU A 366 11.12 13.21 0.87
CA GLU A 366 10.06 14.20 0.75
C GLU A 366 9.72 14.80 2.12
N VAL A 367 9.51 13.93 3.10
CA VAL A 367 9.23 14.34 4.46
C VAL A 367 10.37 15.17 4.99
N ALA A 368 11.57 14.60 4.97
CA ALA A 368 12.71 15.29 5.56
C ALA A 368 13.03 16.64 4.89
N ASN A 369 13.01 16.64 3.56
CA ASN A 369 13.44 17.83 2.78
C ASN A 369 12.35 18.76 2.25
N ASP A 370 11.14 18.28 2.07
CA ASP A 370 10.06 19.15 1.61
C ASP A 370 8.97 19.38 2.68
N VAL A 371 8.24 18.32 2.98
CA VAL A 371 7.04 18.42 3.81
C VAL A 371 7.29 19.08 5.16
N ILE A 372 8.30 18.59 5.88
CA ILE A 372 8.56 19.10 7.23
C ILE A 372 9.07 20.54 7.18
N PRO A 373 10.10 20.82 6.37
CA PRO A 373 10.59 22.21 6.30
C PRO A 373 9.49 23.18 5.87
N ASN A 374 8.33 22.65 5.49
CA ASN A 374 7.22 23.48 5.04
C ASN A 374 6.16 23.69 6.12
N LEU A 375 6.06 22.74 7.04
CA LEU A 375 5.20 22.92 8.21
C LEU A 375 5.88 23.88 9.17
N LEU A 376 7.21 23.85 9.16
CA LEU A 376 8.01 24.74 10.01
C LEU A 376 8.00 26.14 9.45
N LYS A 377 8.24 26.26 8.14
CA LYS A 377 8.17 27.54 7.48
C LYS A 377 6.81 28.20 7.70
N GLU A 378 5.75 27.41 7.61
CA GLU A 378 4.40 27.90 7.83
C GLU A 378 4.20 28.30 9.29
N ALA A 379 4.87 27.57 10.19
CA ALA A 379 4.75 27.83 11.62
C ALA A 379 5.47 29.10 12.04
N ALA A 380 6.57 29.42 11.36
CA ALA A 380 7.36 30.61 11.68
C ALA A 380 6.62 31.88 11.26
N SER A 381 5.45 31.70 10.66
CA SER A 381 4.64 32.83 10.19
C SER A 381 3.29 32.91 10.91
N LEU A 382 2.88 31.81 11.53
CA LEU A 382 1.60 31.78 12.22
C LEU A 382 1.67 32.36 13.63
N LEU A 383 2.83 32.23 14.27
CA LEU A 383 3.00 32.85 15.59
C LEU A 383 3.29 34.35 15.44
N GLU A 384 3.90 34.73 14.32
CA GLU A 384 4.30 36.11 14.09
C GLU A 384 3.08 36.98 13.81
N ALA A 385 1.95 36.32 13.57
CA ALA A 385 0.68 37.01 13.36
C ALA A 385 -0.30 36.63 14.47
N SER A 402 1.52 28.07 20.48
CA SER A 402 2.36 27.72 19.34
C SER A 402 2.97 26.34 19.52
N ALA A 403 3.61 25.84 18.47
CA ALA A 403 4.24 24.53 18.50
C ALA A 403 5.74 24.65 18.16
N LEU A 404 6.09 25.71 17.44
CA LEU A 404 7.47 25.93 17.07
C LEU A 404 8.32 26.20 18.31
N GLN A 405 7.67 26.23 19.47
CA GLN A 405 8.36 26.51 20.73
C GLN A 405 8.16 25.40 21.75
N ASP A 406 7.83 24.20 21.28
CA ASP A 406 7.70 23.04 22.16
C ASP A 406 8.92 22.13 21.99
N PRO A 407 9.62 21.84 23.09
CA PRO A 407 10.81 20.99 23.04
C PRO A 407 10.49 19.59 22.53
N GLU A 408 9.36 19.03 22.96
CA GLU A 408 8.97 17.68 22.54
C GLU A 408 8.93 17.53 21.03
N CYS A 409 8.54 18.60 20.33
CA CYS A 409 8.54 18.61 18.88
C CYS A 409 9.96 18.58 18.36
N PHE A 410 10.85 19.31 19.02
CA PHE A 410 12.26 19.30 18.66
C PHE A 410 12.81 17.89 18.83
N ALA A 411 12.35 17.19 19.86
CA ALA A 411 12.79 15.82 20.09
C ALA A 411 12.27 14.91 18.98
N HIS A 412 10.99 15.06 18.64
CA HIS A 412 10.38 14.33 17.54
C HIS A 412 11.22 14.43 16.28
N LEU A 413 11.60 15.66 15.93
CA LEU A 413 12.42 15.89 14.76
C LEU A 413 13.76 15.17 14.88
N LEU A 414 14.38 15.28 16.05
CA LEU A 414 15.67 14.65 16.29
C LEU A 414 15.58 13.14 16.21
N ARG A 415 14.59 12.57 16.89
CA ARG A 415 14.33 11.14 16.88
C ARG A 415 14.10 10.65 15.45
N PHE A 416 13.39 11.47 14.68
CA PHE A 416 13.17 11.20 13.26
C PHE A 416 14.51 11.04 12.53
N TYR A 417 15.35 12.06 12.64
CA TYR A 417 16.67 12.00 12.03
C TYR A 417 17.52 10.84 12.58
N ASP A 418 17.37 10.56 13.87
CA ASP A 418 18.07 9.43 14.49
C ASP A 418 17.79 8.15 13.72
N GLY A 419 16.51 7.79 13.61
CA GLY A 419 16.10 6.59 12.92
C GLY A 419 16.67 6.48 11.52
N ILE A 420 16.68 7.60 10.80
CA ILE A 420 17.21 7.62 9.44
C ILE A 420 18.71 7.36 9.44
N CYS A 421 19.39 7.83 10.48
CA CYS A 421 20.81 7.57 10.63
C CYS A 421 21.08 6.09 10.95
N LYS A 422 20.33 5.53 11.90
CA LYS A 422 20.45 4.13 12.26
C LYS A 422 20.21 3.24 11.03
N TRP A 423 19.15 3.56 10.29
CA TRP A 423 18.84 2.89 9.03
C TRP A 423 20.09 2.76 8.17
N GLU A 424 20.75 3.89 7.92
CA GLU A 424 21.95 3.93 7.09
C GLU A 424 23.01 2.94 7.56
N GLU A 425 23.11 2.77 8.88
CA GLU A 425 24.12 1.89 9.45
C GLU A 425 23.98 0.45 8.96
N GLY A 426 25.11 -0.12 8.54
CA GLY A 426 25.14 -1.49 8.05
C GLY A 426 24.53 -1.65 6.68
N SER A 427 24.42 -0.55 5.95
CA SER A 427 23.78 -0.56 4.63
C SER A 427 24.77 -0.54 3.48
N PRO A 428 24.39 -1.19 2.36
CA PRO A 428 25.10 -1.18 1.08
C PRO A 428 25.33 0.24 0.56
N THR A 429 24.23 0.93 0.25
CA THR A 429 24.26 2.28 -0.28
C THR A 429 24.07 3.29 0.85
N PRO A 430 24.85 4.39 0.84
CA PRO A 430 24.68 5.43 1.85
C PRO A 430 23.34 6.14 1.70
N VAL A 431 22.67 6.40 2.81
CA VAL A 431 21.42 7.13 2.79
C VAL A 431 21.70 8.64 2.74
N LEU A 432 22.41 9.13 3.75
CA LEU A 432 22.68 10.54 3.89
C LEU A 432 23.70 11.06 2.88
N HIS A 433 23.37 12.19 2.28
CA HIS A 433 24.32 12.97 1.50
C HIS A 433 24.14 14.43 1.85
N VAL A 434 25.05 15.28 1.39
CA VAL A 434 25.08 16.69 1.73
C VAL A 434 23.73 17.40 1.61
N GLY A 435 22.91 16.95 0.66
CA GLY A 435 21.60 17.55 0.43
C GLY A 435 20.61 17.37 1.56
N TRP A 436 20.82 16.34 2.39
CA TRP A 436 19.97 16.11 3.54
C TRP A 436 20.31 17.14 4.61
N ALA A 437 21.58 17.55 4.64
CA ALA A 437 22.09 18.43 5.69
C ALA A 437 21.45 19.81 5.71
N THR A 438 21.39 20.45 4.54
CA THR A 438 20.84 21.80 4.46
C THR A 438 19.47 21.93 5.11
N PHE A 439 18.66 20.88 5.01
CA PHE A 439 17.32 20.93 5.57
C PHE A 439 17.28 20.49 7.02
N LEU A 440 18.33 19.78 7.45
CA LEU A 440 18.51 19.51 8.87
C LEU A 440 18.95 20.80 9.56
N VAL A 441 20.00 21.42 9.03
CA VAL A 441 20.49 22.70 9.55
C VAL A 441 19.36 23.71 9.62
N GLN A 442 18.61 23.83 8.53
CA GLN A 442 17.56 24.84 8.39
C GLN A 442 16.36 24.57 9.29
N SER A 443 16.09 23.30 9.58
CA SER A 443 14.98 22.94 10.45
C SER A 443 15.36 23.11 11.92
N LEU A 444 16.64 22.90 12.21
CA LEU A 444 17.15 23.20 13.54
C LEU A 444 16.98 24.69 13.80
N GLY A 445 17.53 25.49 12.90
CA GLY A 445 17.44 26.94 13.00
C GLY A 445 16.01 27.44 13.10
N ARG A 446 15.06 26.55 12.84
CA ARG A 446 13.66 26.90 12.91
C ARG A 446 13.18 26.84 14.36
N PHE A 447 14.08 26.40 15.25
CA PHE A 447 13.78 26.28 16.67
C PHE A 447 14.71 27.17 17.49
N GLU A 448 14.13 27.95 18.40
CA GLU A 448 14.92 28.84 19.24
C GLU A 448 15.83 28.05 20.19
N GLY A 449 17.03 28.56 20.43
CA GLY A 449 17.98 27.92 21.32
C GLY A 449 17.42 27.72 22.71
N GLN A 450 16.51 28.61 23.10
CA GLN A 450 15.80 28.50 24.36
C GLN A 450 15.12 27.14 24.48
N VAL A 451 14.68 26.62 23.33
CA VAL A 451 13.93 25.38 23.27
C VAL A 451 14.82 24.16 23.00
N ARG A 452 15.73 24.30 22.03
CA ARG A 452 16.64 23.21 21.68
C ARG A 452 17.49 22.74 22.87
N GLN A 453 17.38 23.46 23.98
CA GLN A 453 18.19 23.16 25.15
C GLN A 453 17.36 22.57 26.29
N LYS A 454 16.04 22.70 26.18
CA LYS A 454 15.14 22.12 27.17
C LYS A 454 14.93 20.63 26.93
N VAL A 455 15.58 20.08 25.92
CA VAL A 455 15.47 18.66 25.61
C VAL A 455 16.65 17.89 26.19
N ARG A 456 16.34 16.92 27.04
CA ARG A 456 17.37 16.14 27.71
C ARG A 456 17.88 15.01 26.83
N ILE A 457 19.07 15.19 26.27
CA ILE A 457 19.70 14.14 25.47
C ILE A 457 20.57 13.27 26.35
N VAL A 458 19.91 12.38 27.09
CA VAL A 458 20.61 11.45 27.97
C VAL A 458 20.92 10.15 27.23
N SER A 459 22.05 9.54 27.57
CA SER A 459 22.43 8.25 27.00
C SER A 459 21.88 7.13 27.86
N GLY A 460 22.22 7.16 29.14
CA GLY A 460 21.71 6.15 30.04
C GLY A 460 22.11 6.40 31.47
N THR A 461 21.10 6.45 32.34
CA THR A 461 21.36 6.28 33.76
C THR A 461 21.30 4.77 33.90
N VAL A 462 21.19 4.26 35.10
CA VAL A 462 21.20 2.82 35.30
C VAL A 462 20.20 2.00 34.46
N ALA A 463 20.63 0.83 34.00
CA ALA A 463 19.78 -0.08 33.26
C ALA A 463 18.97 -0.99 34.17
N GLY A 464 17.86 -1.52 33.65
CA GLY A 464 17.01 -2.40 34.42
C GLY A 464 16.30 -1.69 35.56
N THR A 465 15.70 -2.46 36.45
CA THR A 465 14.96 -1.87 37.56
C THR A 465 14.96 -2.76 38.80
N ALA A 466 15.16 -2.14 39.96
CA ALA A 466 15.30 -2.85 41.23
C ALA A 466 13.96 -3.26 41.86
N ARG A 467 14.04 -4.06 42.93
CA ARG A 467 12.86 -4.52 43.64
C ARG A 467 13.25 -5.24 44.93
N GLY A 488 12.13 18.89 31.57
CA GLY A 488 11.59 18.88 30.22
C GLY A 488 11.26 17.49 29.72
N PRO A 489 11.50 17.24 28.43
CA PRO A 489 11.34 15.93 27.78
C PRO A 489 12.69 15.21 27.65
N VAL A 490 12.65 13.88 27.60
CA VAL A 490 13.88 13.10 27.55
C VAL A 490 14.06 12.43 26.18
N LEU A 491 15.31 12.18 25.80
CA LEU A 491 15.59 11.66 24.46
C LEU A 491 16.94 10.95 24.38
N THR A 492 16.92 9.69 23.91
CA THR A 492 18.15 8.91 23.77
C THR A 492 18.36 8.45 22.32
N PHE A 493 19.51 8.81 21.76
CA PHE A 493 19.88 8.44 20.39
C PHE A 493 20.32 6.98 20.30
N GLN A 494 20.12 6.37 19.13
CA GLN A 494 20.54 4.99 18.90
C GLN A 494 21.66 4.93 17.86
N SER A 495 21.78 6.01 17.08
CA SER A 495 22.76 6.07 16.01
C SER A 495 24.05 6.76 16.46
N GLU A 496 25.19 6.16 16.11
CA GLU A 496 26.47 6.74 16.48
C GLU A 496 26.66 8.12 15.85
N LYS A 497 26.10 8.31 14.66
CA LYS A 497 26.16 9.60 13.98
C LYS A 497 25.44 10.67 14.79
N MET A 498 24.17 10.43 15.10
CA MET A 498 23.35 11.39 15.81
C MET A 498 23.87 11.61 17.23
N LYS A 499 24.51 10.58 17.79
CA LYS A 499 25.08 10.67 19.14
C LYS A 499 26.21 11.69 19.20
N GLY A 500 27.10 11.63 18.22
CA GLY A 500 28.25 12.52 18.18
C GLY A 500 27.89 13.98 18.06
N MET A 501 26.63 14.25 17.73
CA MET A 501 26.17 15.62 17.50
C MET A 501 25.21 16.14 18.56
N LYS A 502 25.00 15.38 19.63
CA LYS A 502 24.01 15.77 20.63
C LYS A 502 24.32 17.14 21.22
N GLU A 503 25.51 17.66 20.93
CA GLU A 503 25.96 18.93 21.48
C GLU A 503 25.75 20.07 20.48
N LEU A 504 26.10 19.80 19.22
CA LEU A 504 25.95 20.79 18.15
C LEU A 504 24.47 21.13 17.90
N LEU A 505 23.60 20.16 18.15
CA LEU A 505 22.18 20.36 17.93
C LEU A 505 21.56 21.20 19.03
N VAL A 506 22.28 21.34 20.13
CA VAL A 506 21.76 22.01 21.31
C VAL A 506 22.53 23.32 21.60
N ALA A 507 23.35 23.73 20.64
CA ALA A 507 24.09 24.99 20.74
C ALA A 507 23.14 26.17 20.53
N THR A 508 23.61 27.37 20.85
CA THR A 508 22.83 28.57 20.59
C THR A 508 23.07 29.02 19.16
N LYS A 509 24.26 28.74 18.65
CA LYS A 509 24.57 28.96 17.25
C LYS A 509 24.81 27.62 16.55
N ILE A 510 23.95 27.31 15.60
CA ILE A 510 24.07 26.08 14.82
C ILE A 510 25.27 26.13 13.90
N ASN A 511 26.28 25.31 14.20
CA ASN A 511 27.46 25.28 13.35
C ASN A 511 27.15 24.56 12.04
N SER A 512 26.78 25.33 11.02
CA SER A 512 26.43 24.76 9.73
C SER A 512 27.51 23.81 9.25
N SER A 513 28.68 24.35 8.93
CA SER A 513 29.82 23.57 8.42
C SER A 513 30.04 22.26 9.16
N ALA A 514 29.89 22.28 10.49
CA ALA A 514 30.16 21.10 11.31
C ALA A 514 29.13 19.98 11.17
N ILE A 515 27.86 20.33 11.30
CA ILE A 515 26.80 19.33 11.24
C ILE A 515 26.82 18.60 9.90
N LYS A 516 27.14 19.32 8.83
CA LYS A 516 27.32 18.73 7.51
C LYS A 516 28.33 17.60 7.53
N LEU A 517 29.58 17.94 7.83
CA LEU A 517 30.68 17.00 7.79
C LEU A 517 30.50 15.82 8.75
N GLN A 518 29.56 15.95 9.68
CA GLN A 518 29.23 14.86 10.59
C GLN A 518 28.18 13.94 9.97
N LEU A 519 27.07 14.54 9.53
CA LEU A 519 25.95 13.79 8.97
C LEU A 519 26.39 12.84 7.86
N THR A 520 27.41 13.24 7.10
CA THR A 520 27.90 12.40 6.02
C THR A 520 29.29 11.85 6.35
N ALA A 521 29.41 10.53 6.29
CA ALA A 521 30.67 9.86 6.63
C ALA A 521 30.67 8.41 6.14
N SER B 1 -3.36 9.99 -9.74
CA SER B 1 -2.57 8.76 -9.61
C SER B 1 -2.77 7.82 -10.80
N ARG B 2 -1.74 7.67 -11.62
CA ARG B 2 -1.77 6.72 -12.74
C ARG B 2 -1.68 5.30 -12.19
N TRP B 3 -0.60 5.02 -11.49
CA TRP B 3 -0.44 3.76 -10.78
C TRP B 3 0.52 3.92 -9.61
N ARG B 4 0.03 3.56 -8.42
CA ARG B 4 0.87 3.40 -7.24
C ARG B 4 0.52 2.05 -6.67
N PHE B 5 1.47 1.42 -5.97
CA PHE B 5 1.18 0.13 -5.36
C PHE B 5 -0.15 0.22 -4.60
N PRO B 6 -1.01 -0.79 -4.76
CA PRO B 6 -2.36 -0.78 -4.19
C PRO B 6 -2.37 -0.51 -2.68
N ALA B 7 -3.19 0.45 -2.27
CA ALA B 7 -3.37 0.79 -0.86
C ALA B 7 -2.21 1.59 -0.28
N ARG B 8 -1.32 2.08 -1.15
CA ARG B 8 -0.23 2.96 -0.74
C ARG B 8 -0.81 4.29 -0.28
N PRO B 9 -0.11 5.00 0.63
CA PRO B 9 -0.63 6.30 1.10
C PRO B 9 -0.15 7.48 0.25
#